data_2OPW
#
_entry.id   2OPW
#
_cell.length_a   91.970
_cell.length_b   91.970
_cell.length_c   81.610
_cell.angle_alpha   90.00
_cell.angle_beta   90.00
_cell.angle_gamma   120.00
#
_symmetry.space_group_name_H-M   'P 31 2 1'
#
loop_
_entity.id
_entity.type
_entity.pdbx_description
1 polymer 'PHYHD1 protein'
2 water water
#
_entity_poly.entity_id   1
_entity_poly.type   'polypeptide(L)'
_entity_poly.pdbx_seq_one_letter_code
;MACLSPSQLQKFQQDGFLVLEGFLSAEECVAMQQRIGEIVAEMDVPLHCRTEFSTQEEEQLRAQGSTDYFLSSGDKIRFF
FEKGVFDEKGNFLVPPEKSINKIGHALHAHDPVFKSITHSFKVQTLARSLGLQMPVVVQSMYIFKQPHFGGEVSPHQDAS
FLYTEPLGRVLGVWIAVEDATLENGCLWFIPGSHTSGVSRRMVRAPVGSAPGTSFLGSEPARDNSLFVPTPVQRGALVLI
HGEVVHKSKQNLSDRSRQAYTFHLMEASGTTWSPENWLQPTAELPFPQLYT
;
_entity_poly.pdbx_strand_id   A
#
# COMPACT_ATOMS: atom_id res chain seq x y z
N ALA A 2 17.92 4.43 8.90
CA ALA A 2 18.81 4.08 10.04
C ALA A 2 18.74 2.58 10.36
N CYS A 3 18.96 2.24 11.62
CA CYS A 3 19.30 0.89 11.99
C CYS A 3 18.75 0.42 13.34
N LEU A 4 18.31 -0.84 13.38
CA LEU A 4 17.50 -1.34 14.50
C LEU A 4 18.35 -1.85 15.67
N SER A 5 18.09 -1.29 16.86
CA SER A 5 18.63 -1.82 18.10
C SER A 5 17.98 -3.16 18.43
N PRO A 6 18.66 -4.01 19.19
CA PRO A 6 18.05 -5.29 19.56
C PRO A 6 16.68 -5.21 20.25
N SER A 7 16.37 -4.11 20.92
CA SER A 7 15.08 -3.96 21.61
C SER A 7 13.99 -3.53 20.64
N GLN A 8 14.36 -2.78 19.63
CA GLN A 8 13.45 -2.46 18.55
C GLN A 8 13.09 -3.74 17.75
N LEU A 9 14.08 -4.60 17.54
CA LEU A 9 13.91 -5.85 16.79
C LEU A 9 12.93 -6.81 17.51
N GLN A 10 13.10 -7.00 18.81
CA GLN A 10 12.19 -7.83 19.58
C GLN A 10 10.79 -7.21 19.68
N LYS A 11 10.72 -5.89 19.80
CA LYS A 11 9.46 -5.21 19.87
C LYS A 11 8.67 -5.44 18.59
N PHE A 12 9.35 -5.40 17.46
CA PHE A 12 8.75 -5.76 16.19
C PHE A 12 8.26 -7.24 16.11
N GLN A 13 9.04 -8.21 16.61
CA GLN A 13 8.62 -9.62 16.55
C GLN A 13 7.46 -9.83 17.53
N GLN A 14 7.46 -9.07 18.61
CA GLN A 14 6.35 -9.08 19.54
C GLN A 14 5.05 -8.50 18.98
N ASP A 15 5.12 -7.34 18.33
CA ASP A 15 3.93 -6.58 17.97
C ASP A 15 3.46 -6.81 16.53
N GLY A 16 4.40 -6.96 15.61
CA GLY A 16 4.07 -7.22 14.24
C GLY A 16 4.14 -5.92 13.48
N PHE A 17 4.50 -4.86 14.21
CA PHE A 17 4.76 -3.56 13.64
C PHE A 17 5.73 -2.80 14.56
N LEU A 18 6.29 -1.75 14.02
CA LEU A 18 7.28 -0.94 14.74
C LEU A 18 7.27 0.39 14.11
N VAL A 19 7.04 1.41 14.96
CA VAL A 19 7.09 2.81 14.56
C VAL A 19 8.49 3.41 14.77
N LEU A 20 9.11 3.86 13.68
CA LEU A 20 10.37 4.60 13.73
C LEU A 20 10.15 6.06 13.33
N GLU A 21 9.94 6.92 14.31
CA GLU A 21 9.76 8.35 14.04
C GLU A 21 11.04 8.94 13.46
N GLY A 22 10.89 9.99 12.69
CA GLY A 22 12.03 10.71 12.16
C GLY A 22 12.88 9.92 11.18
N PHE A 23 12.36 8.83 10.65
CA PHE A 23 13.17 8.01 9.76
C PHE A 23 13.68 8.79 8.56
N LEU A 24 12.80 9.57 7.94
CA LEU A 24 13.14 10.43 6.81
C LEU A 24 12.99 11.87 7.26
N SER A 25 13.70 12.74 6.60
CA SER A 25 13.71 14.16 6.87
C SER A 25 12.53 14.85 6.21
N ALA A 26 12.23 16.07 6.64
CA ALA A 26 11.15 16.84 6.09
C ALA A 26 11.32 16.99 4.60
N GLU A 27 12.56 17.15 4.16
CA GLU A 27 12.86 17.50 2.76
C GLU A 27 12.72 16.30 1.85
N GLU A 28 13.02 15.10 2.39
CA GLU A 28 12.72 13.84 1.71
C GLU A 28 11.21 13.70 1.51
N CYS A 29 10.44 13.99 2.56
CA CYS A 29 8.98 13.97 2.53
C CYS A 29 8.43 14.90 1.49
N VAL A 30 8.96 16.10 1.44
CA VAL A 30 8.57 17.09 0.43
C VAL A 30 8.94 16.75 -1.01
N ALA A 31 10.07 16.08 -1.18
CA ALA A 31 10.44 15.50 -2.48
C ALA A 31 9.33 14.58 -2.97
N MET A 32 8.80 13.73 -2.10
CA MET A 32 7.72 12.84 -2.43
C MET A 32 6.42 13.57 -2.74
N GLN A 33 6.10 14.56 -1.93
CA GLN A 33 4.87 15.28 -2.10
C GLN A 33 4.89 16.05 -3.39
N GLN A 34 6.05 16.57 -3.75
CA GLN A 34 6.21 17.37 -4.95
C GLN A 34 6.13 16.53 -6.22
N ARG A 35 6.80 15.38 -6.25
CA ARG A 35 6.76 14.56 -7.45
CA ARG A 35 6.76 14.50 -7.41
C ARG A 35 5.36 13.96 -7.62
N ILE A 36 4.70 13.61 -6.54
CA ILE A 36 3.35 13.05 -6.71
C ILE A 36 2.40 14.08 -7.25
N GLY A 37 2.64 15.34 -6.92
CA GLY A 37 1.88 16.43 -7.52
C GLY A 37 2.05 16.54 -9.02
N GLU A 38 3.26 16.32 -9.49
CA GLU A 38 3.59 16.42 -10.89
C GLU A 38 2.98 15.25 -11.60
N ILE A 39 3.14 14.07 -11.05
CA ILE A 39 2.50 12.90 -11.61
C ILE A 39 0.95 13.10 -11.72
N VAL A 40 0.32 13.57 -10.66
CA VAL A 40 -1.12 13.80 -10.68
C VAL A 40 -1.48 14.88 -11.69
N ALA A 41 -0.67 15.91 -11.79
CA ALA A 41 -0.92 16.97 -12.77
C ALA A 41 -0.89 16.41 -14.18
N GLU A 42 -0.11 15.36 -14.42
CA GLU A 42 0.03 14.79 -15.79
C GLU A 42 -0.83 13.52 -15.97
N MET A 43 -1.61 13.17 -14.94
CA MET A 43 -2.51 12.04 -14.95
C MET A 43 -3.48 12.15 -16.09
N ASP A 44 -3.66 11.06 -16.79
CA ASP A 44 -4.74 10.97 -17.75
C ASP A 44 -5.80 10.10 -17.13
N VAL A 45 -7.05 10.55 -17.20
CA VAL A 45 -8.12 9.79 -16.59
C VAL A 45 -8.30 8.46 -17.32
N PRO A 46 -8.13 7.35 -16.60
CA PRO A 46 -8.22 6.02 -17.21
C PRO A 46 -9.46 5.79 -18.07
N LEU A 47 -9.33 4.98 -19.12
CA LEU A 47 -10.42 4.78 -20.11
C LEU A 47 -11.73 4.35 -19.44
N HIS A 48 -11.64 3.49 -18.42
CA HIS A 48 -12.84 2.97 -17.80
C HIS A 48 -13.57 4.03 -16.98
N CYS A 49 -12.87 5.02 -16.44
CA CYS A 49 -13.56 6.10 -15.70
C CYS A 49 -14.04 7.21 -16.63
N ARG A 50 -13.69 7.13 -17.92
CA ARG A 50 -14.01 8.19 -18.90
C ARG A 50 -15.45 8.23 -19.40
N THR A 51 -16.33 7.44 -18.82
CA THR A 51 -17.70 7.41 -19.33
C THR A 51 -18.77 7.11 -18.28
N GLU A 52 -19.82 7.96 -18.30
CA GLU A 52 -21.08 7.68 -17.68
C GLU A 52 -21.57 6.26 -18.08
N PHE A 53 -22.32 5.59 -17.20
CA PHE A 53 -22.96 4.32 -17.58
C PHE A 53 -24.51 4.39 -17.49
N SER A 54 -25.16 3.82 -18.50
CA SER A 54 -26.62 3.79 -18.61
C SER A 54 -27.25 2.64 -17.80
N THR A 55 -26.74 1.42 -18.01
CA THR A 55 -27.46 0.18 -17.63
C THR A 55 -26.64 -0.74 -16.71
N GLN A 56 -27.13 -1.97 -16.52
CA GLN A 56 -26.37 -3.05 -15.87
C GLN A 56 -25.30 -3.62 -16.80
N GLU A 57 -25.58 -3.70 -18.10
CA GLU A 57 -24.59 -4.15 -19.11
C GLU A 57 -23.42 -3.18 -19.26
N GLU A 58 -23.65 -1.91 -18.92
CA GLU A 58 -22.63 -0.87 -19.00
C GLU A 58 -21.71 -0.88 -17.78
N GLU A 59 -22.31 -0.93 -16.59
CA GLU A 59 -21.58 -0.98 -15.31
C GLU A 59 -20.68 -2.22 -15.12
N GLN A 60 -21.02 -3.31 -15.80
CA GLN A 60 -20.22 -4.55 -15.76
C GLN A 60 -19.02 -4.47 -16.72
N LEU A 61 -19.19 -3.87 -17.90
CA LEU A 61 -18.07 -3.67 -18.84
C LEU A 61 -17.06 -2.65 -18.30
N ARG A 62 -17.58 -1.67 -17.57
CA ARG A 62 -16.77 -0.67 -16.84
C ARG A 62 -16.03 -1.30 -15.68
N ALA A 63 -16.74 -2.13 -14.93
CA ALA A 63 -16.14 -2.89 -13.83
C ALA A 63 -15.01 -3.84 -14.30
N GLN A 64 -15.05 -4.30 -15.56
CA GLN A 64 -14.06 -5.27 -16.07
C GLN A 64 -12.79 -4.57 -16.56
N GLY A 65 -12.93 -3.53 -17.38
CA GLY A 65 -11.79 -2.69 -17.77
C GLY A 65 -11.05 -2.18 -16.54
N SER A 66 -11.81 -1.88 -15.50
CA SER A 66 -11.28 -1.53 -14.19
C SER A 66 -10.44 -2.63 -13.58
N THR A 67 -10.93 -3.87 -13.67
CA THR A 67 -10.19 -5.03 -13.21
C THR A 67 -8.94 -5.25 -14.05
N ASP A 68 -9.09 -5.19 -15.36
CA ASP A 68 -7.95 -5.31 -16.28
C ASP A 68 -6.88 -4.29 -15.88
N TYR A 69 -7.27 -3.02 -15.77
CA TYR A 69 -6.38 -1.92 -15.39
C TYR A 69 -5.57 -2.20 -14.14
N PHE A 70 -6.21 -2.70 -13.10
CA PHE A 70 -5.56 -2.99 -11.83
C PHE A 70 -4.61 -4.17 -11.95
N LEU A 71 -5.11 -5.25 -12.54
CA LEU A 71 -4.33 -6.48 -12.65
C LEU A 71 -3.01 -6.26 -13.41
N SER A 72 -3.05 -5.48 -14.48
CA SER A 72 -1.85 -5.17 -15.20
C SER A 72 -1.10 -3.94 -14.68
N SER A 73 -1.33 -3.52 -13.43
CA SER A 73 -0.72 -2.31 -12.85
C SER A 73 0.50 -2.60 -11.99
N GLY A 74 0.90 -3.86 -11.89
CA GLY A 74 2.04 -4.24 -11.04
C GLY A 74 3.40 -3.65 -11.46
N ASP A 75 3.53 -3.34 -12.75
CA ASP A 75 4.73 -2.72 -13.28
C ASP A 75 4.42 -1.38 -13.91
N LYS A 76 3.38 -0.72 -13.39
CA LYS A 76 3.01 0.57 -13.91
C LYS A 76 2.83 1.57 -12.77
N ILE A 77 2.63 2.81 -13.15
CA ILE A 77 2.23 3.86 -12.26
C ILE A 77 0.82 4.25 -12.68
N ARG A 78 -0.18 3.68 -12.01
CA ARG A 78 -1.56 3.92 -12.40
C ARG A 78 -2.34 4.55 -11.26
N PHE A 79 -3.56 4.96 -11.57
CA PHE A 79 -4.38 5.72 -10.66
C PHE A 79 -5.68 5.06 -10.30
N PHE A 80 -5.96 5.07 -9.02
CA PHE A 80 -7.05 4.36 -8.40
C PHE A 80 -7.85 5.37 -7.61
N PHE A 81 -9.13 5.47 -7.94
CA PHE A 81 -9.95 6.52 -7.43
C PHE A 81 -10.85 6.02 -6.36
N GLU A 82 -11.04 6.89 -5.37
CA GLU A 82 -12.11 6.77 -4.39
C GLU A 82 -13.44 6.17 -4.91
N LYS A 83 -13.85 5.05 -4.29
CA LYS A 83 -15.11 4.31 -4.60
C LYS A 83 -16.34 5.22 -4.77
N GLY A 84 -16.50 6.16 -3.85
CA GLY A 84 -17.68 7.01 -3.82
C GLY A 84 -17.54 8.45 -4.26
N VAL A 85 -16.52 8.78 -5.05
CA VAL A 85 -16.46 10.09 -5.73
C VAL A 85 -17.25 10.17 -7.04
N PHE A 86 -18.02 9.12 -7.33
CA PHE A 86 -18.84 9.03 -8.56
C PHE A 86 -20.36 9.11 -8.28
N ASP A 87 -21.11 9.62 -9.26
CA ASP A 87 -22.57 9.75 -9.11
C ASP A 87 -23.30 8.46 -9.56
N GLU A 88 -24.64 8.49 -9.60
CA GLU A 88 -25.45 7.32 -10.00
C GLU A 88 -25.02 6.74 -11.35
N LYS A 89 -24.79 7.63 -12.32
CA LYS A 89 -24.39 7.26 -13.70
C LYS A 89 -22.88 7.44 -13.98
N GLY A 90 -22.03 7.11 -13.00
CA GLY A 90 -20.57 6.99 -13.21
C GLY A 90 -19.69 8.23 -13.33
N ASN A 91 -20.25 9.42 -13.11
CA ASN A 91 -19.48 10.68 -13.25
C ASN A 91 -18.82 11.12 -11.94
N PHE A 92 -17.60 11.67 -12.06
CA PHE A 92 -16.90 12.31 -10.96
C PHE A 92 -17.70 13.46 -10.36
N LEU A 93 -17.75 13.48 -9.02
CA LEU A 93 -18.47 14.52 -8.28
C LEU A 93 -17.64 15.77 -8.10
N VAL A 94 -16.34 15.58 -7.82
CA VAL A 94 -15.34 16.64 -7.82
C VAL A 94 -14.25 16.20 -8.83
N PRO A 95 -13.33 17.12 -9.20
CA PRO A 95 -12.39 16.80 -10.27
C PRO A 95 -11.55 15.57 -9.94
N PRO A 96 -11.20 14.76 -10.95
CA PRO A 96 -10.44 13.49 -10.70
C PRO A 96 -9.13 13.63 -9.86
N GLU A 97 -8.41 14.74 -10.04
CA GLU A 97 -7.16 15.03 -9.30
C GLU A 97 -7.37 15.30 -7.82
N LYS A 98 -8.62 15.53 -7.42
CA LYS A 98 -8.96 15.68 -6.02
C LYS A 98 -9.50 14.35 -5.47
N SER A 99 -9.67 13.38 -6.36
CA SER A 99 -10.42 12.17 -6.04
C SER A 99 -9.58 10.92 -5.97
N ILE A 100 -8.28 11.04 -6.21
CA ILE A 100 -7.39 9.88 -6.25
C ILE A 100 -7.23 9.36 -4.85
N ASN A 101 -7.35 8.03 -4.73
CA ASN A 101 -7.13 7.32 -3.49
C ASN A 101 -5.71 6.78 -3.39
N LYS A 102 -5.25 6.26 -4.52
CA LYS A 102 -3.91 5.79 -4.61
C LYS A 102 -3.33 5.67 -6.00
N ILE A 103 -2.00 5.54 -6.03
CA ILE A 103 -1.25 5.43 -7.27
C ILE A 103 -0.44 4.21 -7.05
N GLY A 104 -0.39 3.34 -8.03
CA GLY A 104 0.45 2.14 -7.91
C GLY A 104 0.56 1.45 -9.25
N HIS A 105 1.39 0.40 -9.36
CA HIS A 105 2.08 -0.20 -8.19
C HIS A 105 3.61 -0.37 -8.33
N ALA A 106 4.18 0.39 -9.27
CA ALA A 106 5.63 0.42 -9.48
C ALA A 106 6.20 1.86 -9.43
N LEU A 107 5.86 2.66 -8.43
CA LEU A 107 6.53 3.99 -8.29
C LEU A 107 8.04 3.83 -8.07
N HIS A 108 8.38 2.84 -7.25
CA HIS A 108 9.75 2.48 -6.89
C HIS A 108 10.64 2.06 -8.07
N ALA A 109 10.01 1.80 -9.21
CA ALA A 109 10.74 1.31 -10.38
C ALA A 109 10.74 2.35 -11.45
N HIS A 110 9.61 3.04 -11.68
CA HIS A 110 9.50 3.94 -12.83
C HIS A 110 9.54 5.43 -12.50
N ASP A 111 9.61 5.77 -11.22
CA ASP A 111 9.88 7.14 -10.82
C ASP A 111 11.21 7.35 -10.06
N PRO A 112 12.05 8.25 -10.59
CA PRO A 112 13.39 8.40 -10.00
C PRO A 112 13.35 8.84 -8.54
N VAL A 113 12.37 9.62 -8.13
CA VAL A 113 12.34 10.08 -6.74
C VAL A 113 11.99 8.94 -5.81
N PHE A 114 11.03 8.10 -6.17
CA PHE A 114 10.52 7.07 -5.27
C PHE A 114 11.46 5.90 -5.29
N LYS A 115 12.10 5.70 -6.43
CA LYS A 115 13.12 4.65 -6.54
C LYS A 115 14.27 4.99 -5.60
N SER A 116 14.67 6.25 -5.64
CA SER A 116 15.67 6.78 -4.75
C SER A 116 15.32 6.52 -3.29
N ILE A 117 14.20 7.03 -2.82
CA ILE A 117 13.78 6.82 -1.42
C ILE A 117 13.81 5.32 -1.03
N THR A 118 13.35 4.52 -1.98
CA THR A 118 13.05 3.09 -1.76
C THR A 118 14.36 2.34 -1.58
N HIS A 119 15.31 2.59 -2.47
CA HIS A 119 16.62 1.94 -2.41
C HIS A 119 17.67 2.76 -1.61
N SER A 120 17.23 3.72 -0.81
CA SER A 120 18.16 4.56 -0.06
C SER A 120 18.98 3.71 0.87
N PHE A 121 20.11 4.27 1.28
CA PHE A 121 20.96 3.68 2.29
C PHE A 121 20.19 3.37 3.57
N LYS A 122 19.31 4.28 3.99
CA LYS A 122 18.54 4.10 5.23
C LYS A 122 17.69 2.84 5.20
N VAL A 123 17.03 2.62 4.06
CA VAL A 123 16.16 1.48 3.88
C VAL A 123 17.01 0.21 3.77
N GLN A 124 18.07 0.26 2.99
CA GLN A 124 18.95 -0.89 2.84
C GLN A 124 19.58 -1.35 4.16
N THR A 125 20.00 -0.39 5.00
CA THR A 125 20.52 -0.74 6.32
C THR A 125 19.44 -1.23 7.26
N LEU A 126 18.24 -0.68 7.20
CA LEU A 126 17.16 -1.19 8.03
C LEU A 126 16.89 -2.64 7.65
N ALA A 127 16.87 -2.92 6.35
CA ALA A 127 16.61 -4.26 5.85
C ALA A 127 17.67 -5.27 6.32
N ARG A 128 18.92 -4.84 6.33
CA ARG A 128 19.99 -5.70 6.84
C ARG A 128 19.83 -5.99 8.33
N SER A 129 19.50 -4.99 9.15
CA SER A 129 19.09 -5.25 10.57
C SER A 129 18.04 -6.35 10.69
N LEU A 130 17.08 -6.34 9.77
CA LEU A 130 15.99 -7.34 9.76
C LEU A 130 16.52 -8.66 9.22
N GLY A 131 17.68 -8.60 8.56
CA GLY A 131 18.37 -9.79 8.12
C GLY A 131 17.83 -10.32 6.81
N LEU A 132 17.30 -9.45 5.96
CA LEU A 132 16.78 -9.93 4.68
C LEU A 132 18.01 -10.33 3.84
N GLN A 133 17.95 -11.54 3.30
CA GLN A 133 19.01 -12.04 2.43
C GLN A 133 18.86 -11.47 1.03
N MET A 134 17.75 -11.81 0.39
CA MET A 134 17.52 -11.45 -0.99
C MET A 134 16.23 -10.67 -1.08
N PRO A 135 16.15 -9.54 -0.37
CA PRO A 135 14.93 -8.78 -0.48
C PRO A 135 14.74 -8.23 -1.88
N VAL A 136 13.54 -8.33 -2.39
CA VAL A 136 13.19 -7.75 -3.67
C VAL A 136 11.98 -6.93 -3.36
N VAL A 137 11.71 -5.92 -4.19
CA VAL A 137 10.55 -5.03 -4.01
C VAL A 137 9.38 -5.47 -4.87
N VAL A 138 8.32 -5.97 -4.23
CA VAL A 138 7.20 -6.57 -4.97
C VAL A 138 6.21 -5.53 -5.40
N GLN A 139 6.11 -4.46 -4.63
CA GLN A 139 5.02 -3.53 -4.85
C GLN A 139 5.35 -2.20 -4.22
N SER A 140 4.84 -1.11 -4.80
CA SER A 140 4.79 0.14 -4.06
C SER A 140 3.51 0.94 -4.35
N MET A 141 3.17 1.85 -3.45
CA MET A 141 2.03 2.71 -3.73
C MET A 141 1.99 3.93 -2.84
N TYR A 142 1.28 4.94 -3.32
CA TYR A 142 1.18 6.21 -2.66
C TYR A 142 -0.28 6.39 -2.31
N ILE A 143 -0.55 6.61 -1.03
CA ILE A 143 -1.90 6.70 -0.50
C ILE A 143 -2.15 8.14 -0.17
N PHE A 144 -3.16 8.76 -0.76
CA PHE A 144 -3.41 10.15 -0.49
C PHE A 144 -4.21 10.44 0.80
N LYS A 145 -5.23 9.61 1.11
CA LYS A 145 -6.25 9.88 2.16
C LYS A 145 -6.75 11.30 2.14
N GLN A 146 -7.51 11.61 1.07
CA GLN A 146 -7.98 12.96 0.79
C GLN A 146 -8.76 13.49 1.98
N PRO A 147 -8.84 14.82 2.14
CA PRO A 147 -9.62 15.31 3.24
C PRO A 147 -11.10 14.99 3.10
N HIS A 148 -11.72 14.77 4.27
CA HIS A 148 -13.16 14.60 4.45
C HIS A 148 -13.75 13.28 4.00
N PHE A 149 -13.36 12.78 2.83
CA PHE A 149 -13.84 11.49 2.34
C PHE A 149 -12.78 10.44 2.13
N GLY A 150 -11.52 10.77 2.42
CA GLY A 150 -10.43 9.85 2.31
C GLY A 150 -10.85 8.56 2.89
N GLY A 151 -10.80 7.52 2.07
CA GLY A 151 -11.36 6.26 2.42
C GLY A 151 -10.74 5.48 3.57
N GLU A 152 -11.59 4.83 4.35
CA GLU A 152 -11.12 3.86 5.30
C GLU A 152 -10.53 2.65 4.61
N VAL A 153 -9.71 1.91 5.36
CA VAL A 153 -9.13 0.66 4.92
C VAL A 153 -9.53 -0.32 6.04
N SER A 154 -10.26 -1.37 5.70
CA SER A 154 -10.83 -2.22 6.73
C SER A 154 -9.78 -3.21 7.15
N PRO A 155 -9.93 -3.79 8.35
CA PRO A 155 -8.89 -4.62 8.87
C PRO A 155 -8.48 -5.67 7.86
N HIS A 156 -7.16 -5.85 7.75
CA HIS A 156 -6.61 -6.83 6.85
C HIS A 156 -5.18 -7.15 7.22
N GLN A 157 -4.66 -8.16 6.53
CA GLN A 157 -3.28 -8.66 6.61
C GLN A 157 -2.71 -8.61 5.21
N ASP A 158 -1.47 -8.13 5.05
CA ASP A 158 -0.94 -7.86 3.68
C ASP A 158 -0.69 -9.14 2.86
N ALA A 159 -0.39 -10.22 3.59
CA ALA A 159 -0.22 -11.57 3.07
C ALA A 159 -1.48 -12.15 2.43
N SER A 160 -2.65 -11.63 2.81
CA SER A 160 -3.88 -12.03 2.14
C SER A 160 -3.81 -11.69 0.63
N PHE A 161 -3.05 -10.64 0.31
CA PHE A 161 -2.91 -10.14 -1.05
C PHE A 161 -1.56 -10.52 -1.69
N LEU A 162 -0.53 -10.74 -0.87
CA LEU A 162 0.82 -10.91 -1.36
C LEU A 162 1.29 -12.15 -0.68
N TYR A 163 0.68 -13.26 -1.09
CA TYR A 163 0.83 -14.51 -0.40
C TYR A 163 2.07 -15.20 -0.92
N THR A 164 2.72 -15.98 -0.04
CA THR A 164 3.99 -16.65 -0.35
C THR A 164 4.02 -17.96 0.43
N GLU A 165 4.73 -18.98 -0.07
CA GLU A 165 5.08 -20.15 0.74
C GLU A 165 6.60 -20.12 0.98
N PRO A 166 7.04 -20.05 2.25
CA PRO A 166 6.26 -19.95 3.48
C PRO A 166 5.82 -18.52 3.74
N LEU A 167 5.15 -18.31 4.86
CA LEU A 167 4.75 -16.98 5.31
C LEU A 167 5.91 -16.37 6.14
N GLY A 168 5.74 -15.15 6.61
CA GLY A 168 6.81 -14.47 7.30
C GLY A 168 7.90 -13.98 6.34
N ARG A 169 7.52 -13.73 5.08
CA ARG A 169 8.52 -13.37 4.04
C ARG A 169 8.29 -12.03 3.35
N VAL A 170 7.13 -11.44 3.57
CA VAL A 170 6.79 -10.15 2.96
C VAL A 170 6.72 -9.19 4.11
N LEU A 171 7.32 -8.00 3.90
CA LEU A 171 7.39 -6.97 4.92
C LEU A 171 6.85 -5.69 4.34
N GLY A 172 6.01 -4.99 5.11
CA GLY A 172 5.51 -3.67 4.68
C GLY A 172 6.29 -2.51 5.29
N VAL A 173 6.57 -1.52 4.45
CA VAL A 173 7.16 -0.26 4.86
C VAL A 173 6.20 0.83 4.49
N TRP A 174 5.79 1.62 5.48
CA TRP A 174 4.83 2.72 5.33
C TRP A 174 5.50 4.00 5.77
N ILE A 175 5.59 4.99 4.89
CA ILE A 175 6.27 6.22 5.25
C ILE A 175 5.25 7.35 5.24
N ALA A 176 5.26 8.13 6.31
CA ALA A 176 4.32 9.21 6.52
C ALA A 176 4.87 10.41 5.86
N VAL A 177 4.29 10.80 4.73
CA VAL A 177 4.73 12.02 4.03
C VAL A 177 4.18 13.30 4.67
N GLU A 178 3.15 13.12 5.50
CA GLU A 178 2.45 14.19 6.22
C GLU A 178 2.19 13.64 7.60
N ASP A 179 1.85 14.51 8.55
CA ASP A 179 1.49 14.08 9.90
C ASP A 179 0.24 13.17 9.86
N ALA A 180 0.31 12.00 10.50
CA ALA A 180 -0.82 11.06 10.65
C ALA A 180 -1.37 11.18 12.08
N THR A 181 -2.62 11.59 12.19
CA THR A 181 -3.26 11.83 13.49
C THR A 181 -4.48 10.96 13.68
N LEU A 182 -5.02 10.96 14.89
CA LEU A 182 -6.29 10.31 15.17
C LEU A 182 -7.39 10.87 14.28
N GLU A 183 -7.27 12.13 13.89
CA GLU A 183 -8.31 12.85 13.14
C GLU A 183 -8.34 12.53 11.64
N ASN A 184 -7.18 12.23 11.05
CA ASN A 184 -7.05 12.23 9.59
C ASN A 184 -6.70 10.88 8.98
N GLY A 185 -6.87 9.83 9.76
CA GLY A 185 -6.83 8.48 9.21
C GLY A 185 -5.58 7.67 9.45
N CYS A 186 -4.95 7.87 10.61
CA CYS A 186 -3.78 7.09 10.96
C CYS A 186 -4.08 5.60 11.04
N LEU A 187 -3.01 4.81 11.11
CA LEU A 187 -3.14 3.37 11.08
C LEU A 187 -3.52 2.90 12.46
N TRP A 188 -4.15 1.73 12.52
CA TRP A 188 -4.36 1.00 13.78
C TRP A 188 -3.94 -0.45 13.60
N PHE A 189 -3.33 -1.05 14.63
CA PHE A 189 -2.92 -2.48 14.58
C PHE A 189 -3.52 -3.20 15.74
N ILE A 190 -3.64 -4.53 15.60
CA ILE A 190 -3.76 -5.38 16.76
C ILE A 190 -2.37 -5.96 16.99
N PRO A 191 -1.70 -5.49 18.06
CA PRO A 191 -0.37 -5.99 18.36
C PRO A 191 -0.44 -7.48 18.63
N GLY A 192 0.40 -8.27 17.98
CA GLY A 192 0.46 -9.73 18.28
C GLY A 192 -0.46 -10.53 17.38
N SER A 193 -1.02 -9.91 16.35
CA SER A 193 -2.01 -10.57 15.53
C SER A 193 -1.37 -11.31 14.34
N HIS A 194 -0.05 -11.42 14.37
CA HIS A 194 0.71 -11.81 13.21
C HIS A 194 1.27 -13.19 13.36
N THR A 195 0.67 -13.98 14.23
CA THR A 195 1.23 -15.27 14.53
C THR A 195 0.31 -16.51 14.27
N SER A 196 -0.87 -16.39 13.64
CA SER A 196 -1.68 -17.55 13.22
C SER A 196 -2.12 -17.53 11.78
N GLY A 197 -1.21 -17.20 10.86
CA GLY A 197 -1.51 -17.29 9.45
C GLY A 197 -2.56 -16.27 9.04
N VAL A 198 -3.11 -16.46 7.84
CA VAL A 198 -4.12 -15.55 7.27
C VAL A 198 -5.44 -16.29 7.16
N SER A 199 -6.53 -15.57 7.36
CA SER A 199 -7.87 -16.14 7.31
C SER A 199 -8.42 -16.10 5.86
N ARG A 200 -7.86 -15.21 5.07
CA ARG A 200 -8.40 -14.95 3.76
C ARG A 200 -7.27 -14.58 2.80
N ARG A 201 -7.37 -15.02 1.56
CA ARG A 201 -6.49 -14.56 0.51
C ARG A 201 -7.26 -14.07 -0.66
N MET A 202 -6.65 -13.16 -1.39
CA MET A 202 -7.18 -12.75 -2.65
C MET A 202 -6.48 -13.50 -3.76
N VAL A 203 -7.27 -14.09 -4.64
CA VAL A 203 -6.71 -14.80 -5.78
C VAL A 203 -7.13 -14.17 -7.13
N ARG A 204 -6.24 -14.33 -8.11
CA ARG A 204 -6.41 -13.94 -9.51
C ARG A 204 -6.98 -15.10 -10.32
N ALA A 205 -7.79 -14.79 -11.35
CA ALA A 205 -8.40 -15.80 -12.26
C ALA A 205 -7.46 -16.25 -13.43
N PRO A 206 -7.50 -17.55 -13.82
CA PRO A 206 -6.53 -18.30 -14.68
C PRO A 206 -5.64 -17.48 -15.62
N PRO A 211 -10.24 -12.96 -17.01
CA PRO A 211 -9.46 -12.03 -16.17
C PRO A 211 -10.23 -11.47 -14.96
N GLY A 212 -9.74 -11.72 -13.74
CA GLY A 212 -10.47 -11.29 -12.54
C GLY A 212 -9.89 -11.72 -11.20
N THR A 213 -10.47 -11.16 -10.13
CA THR A 213 -10.11 -11.55 -8.77
C THR A 213 -11.31 -11.93 -7.88
N SER A 214 -10.97 -12.57 -6.76
CA SER A 214 -11.92 -13.09 -5.80
C SER A 214 -11.18 -13.50 -4.53
N PHE A 215 -11.92 -13.94 -3.51
CA PHE A 215 -11.36 -14.30 -2.19
C PHE A 215 -11.63 -15.74 -1.84
N LEU A 216 -10.59 -16.37 -1.31
CA LEU A 216 -10.65 -17.63 -0.61
C LEU A 216 -10.65 -17.27 0.88
N GLY A 217 -11.46 -17.98 1.66
CA GLY A 217 -11.64 -17.68 3.06
C GLY A 217 -12.35 -16.36 3.30
N SER A 218 -12.28 -15.90 4.54
CA SER A 218 -12.99 -14.72 4.98
C SER A 218 -12.32 -14.07 6.18
N GLU A 219 -12.45 -12.77 6.27
CA GLU A 219 -11.84 -12.02 7.35
C GLU A 219 -12.74 -12.17 8.59
N PRO A 220 -12.18 -12.66 9.72
CA PRO A 220 -13.04 -12.80 10.90
C PRO A 220 -13.40 -11.45 11.51
N ALA A 221 -14.38 -11.45 12.38
CA ALA A 221 -14.73 -10.24 13.11
C ALA A 221 -13.83 -10.24 14.33
N ARG A 222 -13.40 -9.04 14.71
CA ARG A 222 -12.44 -8.82 15.79
C ARG A 222 -12.88 -7.58 16.54
N ASP A 223 -12.84 -7.65 17.87
CA ASP A 223 -13.34 -6.53 18.67
C ASP A 223 -12.46 -5.30 18.44
N ASN A 224 -13.14 -4.25 18.02
CA ASN A 224 -12.55 -2.96 17.77
C ASN A 224 -11.60 -2.56 18.92
N SER A 225 -11.86 -3.02 20.14
CA SER A 225 -11.02 -2.65 21.27
C SER A 225 -9.60 -3.24 21.26
N LEU A 226 -9.33 -4.23 20.41
CA LEU A 226 -7.97 -4.78 20.31
C LEU A 226 -7.03 -3.93 19.41
N PHE A 227 -7.57 -2.98 18.65
CA PHE A 227 -6.77 -2.08 17.82
C PHE A 227 -6.22 -0.89 18.60
N VAL A 228 -4.92 -0.60 18.39
CA VAL A 228 -4.23 0.57 18.99
C VAL A 228 -3.84 1.57 17.87
N PRO A 229 -4.06 2.87 18.12
CA PRO A 229 -3.71 3.87 17.11
C PRO A 229 -2.22 4.15 17.03
N THR A 230 -1.67 4.32 15.83
CA THR A 230 -0.28 4.72 15.70
C THR A 230 -0.23 6.01 14.91
N PRO A 231 -0.58 7.13 15.57
CA PRO A 231 -0.37 8.44 14.97
C PRO A 231 1.11 8.71 14.96
N VAL A 232 1.58 9.46 13.96
CA VAL A 232 3.00 9.73 13.82
C VAL A 232 3.19 11.03 13.08
N GLN A 233 4.38 11.60 13.18
CA GLN A 233 4.72 12.82 12.48
C GLN A 233 5.34 12.51 11.14
N ARG A 234 5.24 13.46 10.20
CA ARG A 234 5.91 13.36 8.91
C ARG A 234 7.31 12.82 9.03
N GLY A 235 7.65 11.86 8.17
CA GLY A 235 8.97 11.28 8.14
C GLY A 235 9.03 9.99 8.89
N ALA A 236 8.01 9.71 9.71
CA ALA A 236 8.01 8.45 10.45
C ALA A 236 8.00 7.32 9.44
N LEU A 237 8.65 6.21 9.76
CA LEU A 237 8.48 4.97 9.00
C LEU A 237 7.83 3.98 9.97
N VAL A 238 6.77 3.28 9.51
CA VAL A 238 6.20 2.11 10.21
C VAL A 238 6.48 0.80 9.44
N LEU A 239 7.02 -0.16 10.17
CA LEU A 239 7.26 -1.46 9.63
C LEU A 239 6.05 -2.32 9.93
N ILE A 240 5.63 -3.10 8.92
CA ILE A 240 4.39 -3.88 8.98
C ILE A 240 4.65 -5.35 8.64
N HIS A 241 4.48 -6.22 9.62
CA HIS A 241 4.58 -7.64 9.35
C HIS A 241 3.43 -8.07 8.40
N GLY A 242 3.73 -9.02 7.50
CA GLY A 242 2.79 -9.47 6.45
C GLY A 242 1.44 -9.96 6.94
N GLU A 243 1.48 -10.51 8.15
CA GLU A 243 0.34 -11.02 8.87
C GLU A 243 -0.24 -10.22 10.05
N VAL A 244 0.29 -9.05 10.38
CA VAL A 244 -0.35 -8.22 11.41
C VAL A 244 -1.64 -7.64 10.86
N VAL A 245 -2.64 -7.50 11.74
CA VAL A 245 -3.92 -7.01 11.31
C VAL A 245 -3.98 -5.52 11.56
N HIS A 246 -4.23 -4.78 10.49
CA HIS A 246 -4.32 -3.34 10.60
C HIS A 246 -5.47 -2.74 9.76
N LYS A 247 -5.81 -1.48 10.05
CA LYS A 247 -6.94 -0.78 9.44
C LYS A 247 -6.61 0.68 9.51
N SER A 248 -7.33 1.52 8.77
CA SER A 248 -7.29 2.96 8.99
C SER A 248 -8.73 3.48 8.84
N LYS A 249 -9.14 4.45 9.67
CA LYS A 249 -10.46 5.09 9.55
C LYS A 249 -10.48 6.14 8.43
N GLN A 250 -11.66 6.53 7.98
CA GLN A 250 -11.86 7.61 7.03
C GLN A 250 -11.28 8.88 7.58
N ASN A 251 -10.79 9.70 6.68
CA ASN A 251 -10.22 10.97 7.03
C ASN A 251 -11.31 12.00 7.08
N LEU A 252 -11.73 12.35 8.28
CA LEU A 252 -12.78 13.29 8.43
C LEU A 252 -12.29 14.70 8.53
N SER A 253 -10.97 14.90 8.35
CA SER A 253 -10.31 16.19 8.56
C SER A 253 -10.17 17.01 7.29
N ASP A 254 -9.76 18.26 7.47
CA ASP A 254 -9.63 19.17 6.32
C ASP A 254 -8.26 19.12 5.62
N ARG A 255 -7.40 18.20 6.04
CA ARG A 255 -6.10 17.97 5.40
C ARG A 255 -5.87 16.50 5.10
N SER A 256 -5.07 16.24 4.07
CA SER A 256 -4.74 14.86 3.70
C SER A 256 -3.81 14.18 4.66
N ARG A 257 -3.55 12.91 4.37
CA ARG A 257 -2.66 12.07 5.15
C ARG A 257 -1.90 11.23 4.14
N GLN A 258 -1.04 11.88 3.39
CA GLN A 258 -0.22 11.28 2.36
C GLN A 258 0.80 10.31 2.92
N ALA A 259 0.99 9.21 2.21
CA ALA A 259 1.93 8.19 2.68
C ALA A 259 2.47 7.45 1.47
N TYR A 260 3.72 7.04 1.51
CA TYR A 260 4.33 6.17 0.54
C TYR A 260 4.63 4.85 1.19
N THR A 261 4.34 3.74 0.49
CA THR A 261 4.52 2.42 1.04
C THR A 261 5.05 1.47 -0.02
N PHE A 262 5.90 0.57 0.40
CA PHE A 262 6.34 -0.48 -0.49
C PHE A 262 6.44 -1.75 0.30
N HIS A 263 6.52 -2.85 -0.43
CA HIS A 263 6.58 -4.17 0.16
C HIS A 263 7.79 -4.92 -0.37
N LEU A 264 8.47 -5.57 0.57
CA LEU A 264 9.66 -6.33 0.30
C LEU A 264 9.26 -7.77 0.45
N MET A 265 9.79 -8.62 -0.40
CA MET A 265 9.77 -10.05 -0.16
C MET A 265 11.21 -10.53 -0.03
N GLU A 266 11.46 -11.29 1.03
CA GLU A 266 12.67 -12.10 1.16
C GLU A 266 12.62 -13.27 0.14
N ALA A 267 13.39 -13.15 -0.94
CA ALA A 267 13.29 -14.10 -2.05
C ALA A 267 13.97 -15.45 -1.74
N SER A 268 14.68 -15.58 -0.62
CA SER A 268 15.46 -16.78 -0.37
C SER A 268 14.60 -17.83 0.26
N GLY A 269 14.45 -18.95 -0.44
CA GLY A 269 13.61 -20.08 -0.01
C GLY A 269 12.12 -19.82 -0.11
N THR A 270 11.74 -18.68 -0.69
CA THR A 270 10.36 -18.25 -0.76
C THR A 270 9.69 -18.47 -2.12
N THR A 271 8.47 -19.01 -2.09
CA THR A 271 7.64 -19.16 -3.27
C THR A 271 6.50 -18.09 -3.27
N TRP A 272 6.60 -17.16 -4.21
CA TRP A 272 5.52 -16.22 -4.53
C TRP A 272 4.36 -16.98 -5.15
N SER A 273 3.16 -16.82 -4.61
CA SER A 273 2.04 -17.59 -5.11
C SER A 273 1.68 -17.22 -6.56
N PRO A 274 1.59 -18.22 -7.46
CA PRO A 274 1.12 -17.93 -8.82
C PRO A 274 -0.30 -17.34 -8.84
N GLU A 275 -1.04 -17.45 -7.73
CA GLU A 275 -2.43 -16.95 -7.63
C GLU A 275 -2.56 -15.51 -7.16
N ASN A 276 -1.46 -14.91 -6.73
CA ASN A 276 -1.49 -13.50 -6.34
C ASN A 276 -1.90 -12.67 -7.54
N TRP A 277 -2.55 -11.54 -7.27
CA TRP A 277 -2.99 -10.65 -8.33
C TRP A 277 -1.78 -10.04 -9.01
N LEU A 278 -0.77 -9.75 -8.18
CA LEU A 278 0.45 -9.17 -8.64
C LEU A 278 1.41 -10.28 -9.03
N GLN A 279 1.88 -10.25 -10.26
CA GLN A 279 2.93 -11.16 -10.73
C GLN A 279 4.04 -10.37 -11.45
N PRO A 280 5.31 -10.79 -11.28
CA PRO A 280 6.39 -10.10 -11.98
C PRO A 280 6.28 -10.26 -13.50
N THR A 281 6.44 -9.16 -14.25
CA THR A 281 6.45 -9.26 -15.70
C THR A 281 7.90 -9.45 -16.20
N ALA A 282 8.04 -9.89 -17.45
CA ALA A 282 9.36 -10.01 -18.07
C ALA A 282 9.97 -8.60 -18.23
N GLU A 283 9.10 -7.58 -18.33
CA GLU A 283 9.54 -6.17 -18.35
C GLU A 283 10.09 -5.72 -16.99
N LEU A 284 9.38 -6.04 -15.90
CA LEU A 284 9.87 -5.79 -14.53
C LEU A 284 9.73 -7.03 -13.62
N PRO A 285 10.76 -7.90 -13.60
CA PRO A 285 10.84 -8.82 -12.48
C PRO A 285 11.00 -8.02 -11.20
N PHE A 286 10.51 -8.54 -10.08
CA PHE A 286 10.70 -7.89 -8.79
C PHE A 286 12.17 -7.57 -8.60
N PRO A 287 12.53 -6.27 -8.50
CA PRO A 287 13.93 -5.88 -8.34
C PRO A 287 14.50 -6.04 -6.91
N GLN A 288 15.76 -6.46 -6.81
CA GLN A 288 16.50 -6.56 -5.53
C GLN A 288 16.56 -5.19 -4.85
N LEU A 289 16.39 -5.16 -3.54
CA LEU A 289 16.52 -3.92 -2.79
C LEU A 289 17.95 -3.42 -2.80
N TYR A 290 18.89 -4.32 -2.48
CA TYR A 290 20.27 -3.97 -2.22
C TYR A 290 21.01 -3.61 -3.50
N THR A 291 21.79 -2.54 -3.43
CA THR A 291 22.51 -2.00 -4.57
C THR A 291 24.01 -2.04 -4.29
#